data_7F6Y
#
_entry.id   7F6Y
#
_cell.length_a   80.280
_cell.length_b   149.071
_cell.length_c   146.686
_cell.angle_alpha   90.000
_cell.angle_beta   90.000
_cell.angle_gamma   90.000
#
_symmetry.space_group_name_H-M   'C 2 2 21'
#
loop_
_entity.id
_entity.type
_entity.pdbx_description
1 polymer 'Spike protein S1'
2 polymer 'Heavy Chain of BD-503'
3 polymer 'Light Chain of BD-503'
4 non-polymer 2-acetamido-2-deoxy-beta-D-glucopyranose
#
loop_
_entity_poly.entity_id
_entity_poly.type
_entity_poly.pdbx_seq_one_letter_code
_entity_poly.pdbx_strand_id
1 'polypeptide(L)'
;RVQPTESIVRFPNITNLCPFGEVFNATRFASVYAWNRKRISNCVADYSVLYNSASFSTFKCYGVSPTKLNDLCFTNVYAD
SFVIRGDEVRQIAPGQTGKIADYNYKLPDDFTGCVIAWNSNNLDSKVGGNYNYLYRLFRKSNLKPFERDISTEIYQAGST
PCNGVKGFNCYFPLQSYGFQPTNGVGYQPYRVVVLSFELLHAPATVCGPKKSTNLVKNKCVNF
;
R
2 'polypeptide(L)'
;EVQLVESGGGLIQPGGSLRLSCAASGLIVSSNYMSWVRQAPGKGLEWVSVLYAGGSTDYAGSVKGRFTISRDNSKNTLYL
QMNSLRAEDTAVYYCARDAAVYGIDVWGQGTTVTVSSASTKGPSVFPLAPSSKSTSGGTAALGCLVKDYFPEPVTVSWNS
GALTSGVHTFPAVLQSSGLYSLSSVVTVPSSSLGTQTYICNVNHKPSNTKVDKKVEPKSCDK
;
H
3 'polypeptide(L)'
;DIQMTQSPSSLSASVGDRVTITCRASQSISSYLNWYQQKPGKAPKLLIYAASSLQSGVPSRFSGSGSGTDFTLTISSLQP
EDFATYYCQQSYTTPLFTFGPGTKVDIKRTVAAPSVFIFPPSDEQLKSGTASVVCLLNNFYPREAKVQWKVDNALQSGNS
QESVTEQDSKDSTYSLSSTLTLSKADYEKHKVYACEVTHQGLSSPVTKSFNRGEC
;
L
#
loop_
_chem_comp.id
_chem_comp.type
_chem_comp.name
_chem_comp.formula
NAG D-saccharide, beta linking 2-acetamido-2-deoxy-beta-D-glucopyranose 'C8 H15 N O6'
#
# COMPACT_ATOMS: atom_id res chain seq x y z
N ASN A 16 -1.83 -57.70 11.72
CA ASN A 16 -2.07 -57.02 10.44
C ASN A 16 -1.48 -55.61 10.42
N LEU A 17 -1.22 -55.09 9.22
CA LEU A 17 -0.57 -53.80 9.02
C LEU A 17 -1.56 -52.66 9.19
N CYS A 18 -1.03 -51.50 9.55
CA CYS A 18 -1.91 -50.36 9.87
C CYS A 18 -2.39 -49.75 8.57
N PRO A 19 -3.62 -49.21 8.52
CA PRO A 19 -4.18 -48.66 7.29
C PRO A 19 -3.60 -47.33 6.83
N PHE A 20 -2.29 -47.21 6.79
CA PHE A 20 -1.64 -45.94 6.43
C PHE A 20 -1.90 -45.72 4.96
N GLY A 21 -2.11 -46.80 4.21
CA GLY A 21 -2.49 -46.63 2.82
C GLY A 21 -3.77 -45.83 2.66
N GLU A 22 -4.83 -46.24 3.36
CA GLU A 22 -6.11 -45.53 3.28
C GLU A 22 -5.98 -44.05 3.56
N VAL A 23 -5.05 -43.66 4.44
CA VAL A 23 -4.90 -42.24 4.78
C VAL A 23 -4.06 -41.52 3.74
N PHE A 24 -2.90 -42.09 3.39
CA PHE A 24 -1.99 -41.37 2.50
C PHE A 24 -2.47 -41.37 1.06
N ASN A 25 -2.86 -42.53 0.54
CA ASN A 25 -3.22 -42.66 -0.86
C ASN A 25 -4.72 -42.44 -1.11
N ALA A 26 -5.43 -41.87 -0.15
CA ALA A 26 -6.87 -41.70 -0.30
C ALA A 26 -7.18 -40.91 -1.56
N THR A 27 -8.29 -41.26 -2.22
CA THR A 27 -8.62 -40.60 -3.47
C THR A 27 -9.03 -39.15 -3.26
N ARG A 28 -9.73 -38.84 -2.16
CA ARG A 28 -10.06 -37.45 -1.86
C ARG A 28 -9.60 -37.08 -0.44
N PHE A 29 -9.01 -35.88 -0.31
CA PHE A 29 -8.62 -35.28 0.96
C PHE A 29 -9.65 -34.24 1.38
N ALA A 30 -9.67 -33.94 2.66
CA ALA A 30 -10.64 -33.01 3.21
C ALA A 30 -10.17 -31.57 3.06
N SER A 31 -11.12 -30.64 3.23
CA SER A 31 -10.78 -29.24 3.39
C SER A 31 -10.16 -29.01 4.77
N VAL A 32 -9.08 -28.23 4.82
CA VAL A 32 -8.36 -28.04 6.08
C VAL A 32 -9.28 -27.70 7.24
N TYR A 33 -10.39 -26.98 6.99
CA TYR A 33 -11.25 -26.56 8.09
C TYR A 33 -11.96 -27.73 8.72
N ALA A 34 -12.40 -28.68 7.89
CA ALA A 34 -13.03 -29.91 8.37
C ALA A 34 -12.07 -31.08 8.21
N TRP A 35 -10.83 -30.86 8.66
CA TRP A 35 -9.78 -31.86 8.54
C TRP A 35 -10.25 -33.23 8.99
N ASN A 36 -9.65 -34.26 8.41
CA ASN A 36 -10.03 -35.64 8.65
C ASN A 36 -9.14 -36.25 9.72
N ARG A 37 -9.72 -37.14 10.53
CA ARG A 37 -8.99 -37.84 11.57
C ARG A 37 -9.25 -39.34 11.47
N LYS A 38 -8.25 -40.10 11.05
CA LYS A 38 -8.30 -41.57 11.10
C LYS A 38 -7.50 -42.04 12.31
N ARG A 39 -8.16 -42.78 13.22
CA ARG A 39 -7.52 -43.31 14.42
C ARG A 39 -7.02 -44.72 14.16
N ILE A 40 -5.72 -44.96 14.41
CA ILE A 40 -5.09 -46.27 14.17
C ILE A 40 -4.99 -47.03 15.48
N SER A 41 -5.46 -48.29 15.49
CA SER A 41 -5.50 -49.10 16.72
C SER A 41 -5.29 -50.58 16.43
N ASN A 42 -4.63 -51.30 17.32
CA ASN A 42 -4.42 -52.77 17.18
C ASN A 42 -3.85 -53.14 15.82
N CYS A 43 -2.61 -52.72 15.55
CA CYS A 43 -1.96 -53.07 14.27
C CYS A 43 -0.45 -52.81 14.32
N VAL A 44 0.27 -53.24 13.28
CA VAL A 44 1.71 -53.04 13.17
C VAL A 44 1.99 -52.06 12.03
N ALA A 45 3.03 -51.26 12.19
CA ALA A 45 3.26 -50.16 11.27
C ALA A 45 4.74 -50.05 10.94
N ASP A 46 5.05 -49.88 9.66
CA ASP A 46 6.43 -49.67 9.22
C ASP A 46 6.60 -48.19 8.87
N TYR A 47 7.17 -47.42 9.79
CA TYR A 47 7.36 -45.98 9.63
C TYR A 47 8.65 -45.63 8.90
N SER A 48 9.49 -46.60 8.54
CA SER A 48 10.61 -46.22 7.70
C SER A 48 10.29 -46.40 6.22
N VAL A 49 9.34 -47.29 5.88
CA VAL A 49 8.83 -47.45 4.51
C VAL A 49 7.97 -46.24 4.16
N LEU A 50 7.81 -45.33 5.11
CA LEU A 50 7.25 -44.02 4.86
C LEU A 50 8.37 -43.02 4.62
N TYR A 51 9.22 -42.81 5.63
CA TYR A 51 10.34 -41.88 5.48
C TYR A 51 11.27 -42.24 4.33
N ASN A 52 11.27 -43.51 3.88
CA ASN A 52 12.19 -43.94 2.83
C ASN A 52 11.60 -43.72 1.44
N SER A 53 10.66 -42.78 1.33
CA SER A 53 10.12 -42.32 0.06
C SER A 53 10.55 -40.87 -0.16
N ALA A 54 11.16 -40.61 -1.32
CA ALA A 54 11.45 -39.24 -1.75
C ALA A 54 10.20 -38.50 -2.18
N SER A 55 9.04 -39.14 -2.13
CA SER A 55 7.79 -38.56 -2.62
C SER A 55 7.40 -37.30 -1.85
N PHE A 56 7.90 -37.13 -0.62
CA PHE A 56 7.41 -36.14 0.32
C PHE A 56 8.27 -34.87 0.30
N SER A 57 7.61 -33.71 0.30
CA SER A 57 8.32 -32.43 0.30
C SER A 57 8.64 -31.93 1.71
N THR A 58 7.74 -32.10 2.68
CA THR A 58 8.09 -31.92 4.08
C THR A 58 7.90 -33.24 4.82
N PHE A 59 8.80 -33.52 5.78
CA PHE A 59 8.71 -34.68 6.65
C PHE A 59 9.44 -34.39 7.95
N LYS A 60 9.02 -33.33 8.66
CA LYS A 60 9.60 -32.96 9.96
C LYS A 60 8.87 -33.69 11.08
N CYS A 61 9.64 -34.26 12.01
CA CYS A 61 9.10 -34.91 13.18
C CYS A 61 9.56 -34.14 14.42
N TYR A 62 8.61 -33.87 15.31
CA TYR A 62 8.89 -33.07 16.52
C TYR A 62 8.55 -33.97 17.71
N GLY A 63 9.49 -34.14 18.62
CA GLY A 63 9.24 -34.98 19.79
C GLY A 63 9.53 -36.44 19.52
N VAL A 64 9.93 -36.77 18.30
CA VAL A 64 10.14 -38.19 17.94
C VAL A 64 11.21 -38.25 16.84
N SER A 65 11.86 -39.40 16.68
CA SER A 65 12.87 -39.57 15.60
C SER A 65 12.26 -40.48 14.54
N PRO A 66 12.30 -40.21 13.21
CA PRO A 66 11.53 -41.06 12.27
C PRO A 66 12.09 -42.46 12.09
N THR A 67 13.37 -42.65 12.40
CA THR A 67 13.97 -43.98 12.36
C THR A 67 13.57 -44.80 13.59
N LYS A 68 13.74 -44.22 14.77
CA LYS A 68 13.45 -44.85 16.05
C LYS A 68 11.96 -45.12 16.23
N LEU A 69 11.22 -45.31 15.14
CA LEU A 69 9.78 -45.46 15.21
C LEU A 69 9.33 -46.91 15.13
N ASN A 70 10.01 -47.75 14.36
CA ASN A 70 9.67 -49.17 14.35
C ASN A 70 10.13 -49.86 15.61
N ASP A 71 10.81 -49.14 16.49
CA ASP A 71 11.26 -49.63 17.78
C ASP A 71 10.30 -49.27 18.90
N LEU A 72 9.18 -48.63 18.58
CA LEU A 72 8.30 -47.99 19.56
C LEU A 72 6.87 -48.48 19.45
N CYS A 73 6.20 -48.61 20.59
CA CYS A 73 4.78 -48.87 20.64
C CYS A 73 4.05 -47.66 21.20
N PHE A 74 2.80 -47.47 20.77
CA PHE A 74 1.93 -46.42 21.28
C PHE A 74 0.54 -47.00 21.50
N THR A 75 -0.23 -46.34 22.36
CA THR A 75 -1.58 -46.83 22.66
C THR A 75 -2.58 -46.42 21.59
N ASN A 76 -2.32 -45.29 20.91
CA ASN A 76 -3.09 -44.83 19.78
C ASN A 76 -2.20 -43.95 18.91
N VAL A 77 -2.34 -44.10 17.59
CA VAL A 77 -1.75 -43.19 16.62
C VAL A 77 -2.89 -42.51 15.88
N TYR A 78 -2.72 -41.23 15.55
CA TYR A 78 -3.75 -40.46 14.84
C TYR A 78 -3.18 -39.94 13.53
N ALA A 79 -3.89 -40.23 12.43
CA ALA A 79 -3.59 -39.73 11.09
C ALA A 79 -4.60 -38.66 10.74
N ASP A 80 -4.16 -37.40 10.78
CA ASP A 80 -4.96 -36.26 10.37
C ASP A 80 -4.50 -35.84 8.99
N SER A 81 -5.46 -35.54 8.11
CA SER A 81 -5.11 -35.16 6.75
C SER A 81 -6.06 -34.07 6.26
N PHE A 82 -5.54 -33.25 5.35
CA PHE A 82 -6.25 -32.10 4.79
C PHE A 82 -5.36 -31.52 3.71
N VAL A 83 -5.90 -30.53 2.98
CA VAL A 83 -5.14 -29.82 1.94
C VAL A 83 -5.07 -28.36 2.33
N ILE A 84 -3.88 -27.76 2.18
CA ILE A 84 -3.64 -26.33 2.33
C ILE A 84 -2.74 -25.87 1.19
N ARG A 85 -2.35 -24.58 1.23
CA ARG A 85 -1.43 -23.97 0.28
C ARG A 85 0.00 -24.17 0.74
N GLY A 86 0.93 -24.28 -0.22
CA GLY A 86 2.32 -24.52 0.13
C GLY A 86 2.90 -23.46 1.07
N ASP A 87 2.57 -22.19 0.83
CA ASP A 87 2.98 -21.13 1.74
C ASP A 87 2.31 -21.24 3.11
N GLU A 88 1.33 -22.12 3.25
CA GLU A 88 0.67 -22.37 4.52
C GLU A 88 1.20 -23.62 5.24
N VAL A 89 2.16 -24.35 4.66
CA VAL A 89 2.60 -25.57 5.33
C VAL A 89 3.46 -25.23 6.54
N ARG A 90 4.11 -24.07 6.55
CA ARG A 90 4.92 -23.62 7.68
C ARG A 90 4.13 -23.60 8.99
N GLN A 91 2.81 -23.45 8.89
CA GLN A 91 1.96 -23.28 10.10
C GLN A 91 1.52 -24.63 10.65
N ILE A 92 1.82 -25.71 9.95
CA ILE A 92 1.52 -27.05 10.52
C ILE A 92 2.76 -27.42 11.31
N ALA A 93 3.04 -26.65 12.35
CA ALA A 93 4.23 -26.87 13.17
C ALA A 93 3.93 -26.33 14.56
N PRO A 94 4.46 -26.93 15.63
CA PRO A 94 4.26 -26.36 16.92
C PRO A 94 4.69 -24.89 17.01
N GLY A 95 3.86 -24.02 17.55
CA GLY A 95 4.25 -22.61 17.78
C GLY A 95 4.08 -21.73 16.57
N GLN A 96 2.95 -21.80 15.89
CA GLN A 96 2.78 -21.04 14.63
C GLN A 96 1.42 -20.35 14.56
N THR A 97 1.33 -19.24 13.84
CA THR A 97 0.13 -18.42 13.71
C THR A 97 -0.12 -18.05 12.24
N GLY A 98 -1.38 -17.69 11.94
CA GLY A 98 -1.83 -17.43 10.57
C GLY A 98 -3.18 -18.09 10.33
N LYS A 99 -3.89 -17.69 9.27
CA LYS A 99 -5.24 -18.21 9.03
C LYS A 99 -5.35 -19.70 9.36
N ILE A 100 -4.39 -20.52 8.91
CA ILE A 100 -4.50 -21.97 9.06
C ILE A 100 -4.34 -22.37 10.52
N ALA A 101 -3.20 -22.01 11.12
CA ALA A 101 -2.88 -22.44 12.46
C ALA A 101 -3.86 -21.88 13.48
N ASP A 102 -4.39 -20.69 13.21
CA ASP A 102 -5.25 -20.04 14.18
C ASP A 102 -6.70 -20.43 14.02
N TYR A 103 -7.17 -20.58 12.80
CA TYR A 103 -8.58 -20.78 12.56
C TYR A 103 -8.93 -22.12 11.93
N ASN A 104 -7.96 -23.04 11.77
CA ASN A 104 -8.17 -24.24 10.97
C ASN A 104 -7.62 -25.50 11.58
N TYR A 105 -6.36 -25.46 12.03
CA TYR A 105 -5.70 -26.65 12.55
C TYR A 105 -4.47 -26.20 13.33
N LYS A 106 -4.45 -26.48 14.64
CA LYS A 106 -3.41 -26.00 15.53
C LYS A 106 -2.69 -27.19 16.12
N LEU A 107 -1.37 -27.10 16.22
CA LEU A 107 -0.65 -28.16 16.92
C LEU A 107 -0.19 -27.69 18.30
N PRO A 108 -0.29 -28.56 19.31
CA PRO A 108 0.15 -28.18 20.66
C PRO A 108 1.64 -27.84 20.73
N ASP A 109 2.00 -26.95 21.67
CA ASP A 109 3.41 -26.57 21.86
C ASP A 109 4.27 -27.79 22.17
N ASP A 110 3.73 -28.73 22.94
CA ASP A 110 4.41 -29.97 23.34
C ASP A 110 4.06 -31.12 22.40
N PHE A 111 3.93 -30.82 21.11
CA PHE A 111 3.55 -31.83 20.13
C PHE A 111 4.62 -32.89 20.02
N THR A 112 4.18 -34.14 19.96
CA THR A 112 5.08 -35.29 19.78
C THR A 112 4.53 -36.09 18.60
N GLY A 113 5.07 -35.86 17.41
CA GLY A 113 4.50 -36.42 16.21
C GLY A 113 5.25 -35.98 14.96
N CYS A 114 4.62 -36.18 13.80
CA CYS A 114 5.26 -35.95 12.52
C CYS A 114 4.29 -35.27 11.57
N VAL A 115 4.78 -34.28 10.83
CA VAL A 115 4.00 -33.56 9.81
C VAL A 115 4.60 -33.92 8.46
N ILE A 116 3.79 -34.52 7.59
CA ILE A 116 4.23 -34.98 6.27
C ILE A 116 3.35 -34.32 5.22
N ALA A 117 3.98 -33.86 4.14
CA ALA A 117 3.26 -33.12 3.11
C ALA A 117 4.00 -33.25 1.79
N TRP A 118 3.23 -33.28 0.72
CA TRP A 118 3.74 -33.47 -0.64
C TRP A 118 2.88 -32.63 -1.58
N ASN A 119 3.50 -32.14 -2.66
CA ASN A 119 2.78 -31.29 -3.61
C ASN A 119 1.75 -32.13 -4.35
N SER A 120 0.54 -31.59 -4.48
CA SER A 120 -0.53 -32.29 -5.17
C SER A 120 -1.17 -31.39 -6.20
N ASN A 121 -0.37 -30.67 -6.97
CA ASN A 121 -0.99 -29.83 -8.00
C ASN A 121 -1.75 -30.69 -8.99
N ASN A 122 -1.19 -31.86 -9.32
CA ASN A 122 -1.77 -32.71 -10.36
C ASN A 122 -3.15 -33.27 -10.00
N LEU A 123 -3.47 -33.37 -8.71
CA LEU A 123 -4.70 -34.03 -8.32
C LEU A 123 -5.76 -33.07 -7.79
N ASP A 124 -5.39 -31.85 -7.39
CA ASP A 124 -6.26 -31.00 -6.59
C ASP A 124 -6.50 -29.62 -7.19
N SER A 125 -5.85 -29.27 -8.30
CA SER A 125 -6.13 -28.03 -9.00
C SER A 125 -6.67 -28.36 -10.38
N LYS A 126 -7.81 -27.78 -10.71
CA LYS A 126 -8.44 -27.91 -12.03
C LYS A 126 -8.20 -26.63 -12.81
N VAL A 127 -8.14 -26.76 -14.14
CA VAL A 127 -7.92 -25.59 -14.97
C VAL A 127 -9.01 -24.56 -14.64
N GLY A 128 -8.60 -23.34 -14.33
CA GLY A 128 -9.53 -22.27 -14.01
C GLY A 128 -10.10 -22.28 -12.62
N GLY A 129 -9.62 -23.15 -11.73
CA GLY A 129 -10.06 -23.12 -10.35
C GLY A 129 -10.74 -24.37 -9.81
N ASN A 130 -10.20 -24.91 -8.72
CA ASN A 130 -10.90 -25.91 -7.92
C ASN A 130 -11.45 -25.21 -6.68
N TYR A 131 -12.74 -24.90 -6.72
CA TYR A 131 -13.45 -24.27 -5.61
C TYR A 131 -14.06 -25.30 -4.66
N ASN A 132 -13.47 -26.51 -4.61
CA ASN A 132 -13.88 -27.53 -3.65
C ASN A 132 -13.23 -27.30 -2.30
N TYR A 133 -11.91 -27.09 -2.26
CA TYR A 133 -11.18 -26.99 -1.01
C TYR A 133 -11.37 -25.62 -0.37
N LEU A 134 -11.65 -25.60 0.93
CA LEU A 134 -12.03 -24.40 1.66
C LEU A 134 -11.20 -24.27 2.94
N TYR A 135 -11.10 -23.03 3.41
CA TYR A 135 -10.43 -22.72 4.67
C TYR A 135 -11.28 -21.70 5.42
N ARG A 136 -11.25 -21.76 6.74
CA ARG A 136 -11.99 -20.79 7.53
C ARG A 136 -11.20 -19.49 7.55
N LEU A 137 -11.80 -18.44 7.03
CA LEU A 137 -11.14 -17.14 6.92
C LEU A 137 -11.46 -16.25 8.10
N PHE A 138 -12.60 -16.48 8.75
CA PHE A 138 -13.10 -15.61 9.82
C PHE A 138 -13.34 -16.44 11.07
N ARG A 139 -12.70 -16.05 12.18
CA ARG A 139 -13.04 -16.55 13.49
C ARG A 139 -12.85 -15.42 14.50
N LYS A 140 -13.40 -15.62 15.70
CA LYS A 140 -13.29 -14.67 16.81
C LYS A 140 -12.14 -14.97 17.76
N SER A 141 -11.57 -16.16 17.71
CA SER A 141 -10.63 -16.62 18.72
C SER A 141 -9.89 -17.83 18.18
N ASN A 142 -8.63 -17.99 18.58
CA ASN A 142 -7.79 -19.04 18.01
C ASN A 142 -8.21 -20.41 18.51
N LEU A 143 -7.95 -21.42 17.69
CA LEU A 143 -8.33 -22.79 18.00
C LEU A 143 -7.45 -23.36 19.10
N LYS A 144 -8.06 -24.19 19.94
CA LYS A 144 -7.23 -24.97 20.83
C LYS A 144 -6.61 -26.11 20.04
N PRO A 145 -5.52 -26.69 20.53
CA PRO A 145 -4.88 -27.78 19.79
C PRO A 145 -5.83 -28.93 19.48
N PHE A 146 -5.73 -29.42 18.23
CA PHE A 146 -6.56 -30.49 17.69
C PHE A 146 -8.05 -30.18 17.82
N GLU A 147 -8.42 -28.91 17.86
CA GLU A 147 -9.81 -28.52 17.79
C GLU A 147 -10.24 -28.41 16.32
N ARG A 148 -11.56 -28.49 16.09
CA ARG A 148 -12.08 -28.68 14.74
C ARG A 148 -13.41 -27.95 14.62
N ASP A 149 -13.40 -26.82 13.93
CA ASP A 149 -14.57 -25.93 13.81
C ASP A 149 -15.24 -26.19 12.47
N ILE A 150 -16.48 -26.67 12.51
CA ILE A 150 -17.24 -26.98 11.31
C ILE A 150 -18.45 -26.06 11.15
N SER A 151 -18.54 -25.02 11.97
CA SER A 151 -19.62 -24.05 11.88
C SER A 151 -19.66 -23.43 10.49
N THR A 152 -20.88 -23.25 9.96
CA THR A 152 -21.08 -22.46 8.74
C THR A 152 -21.94 -21.22 9.00
N GLU A 153 -22.04 -20.82 10.27
CA GLU A 153 -22.86 -19.68 10.67
C GLU A 153 -22.22 -18.38 10.22
N ILE A 154 -23.07 -17.43 9.83
CA ILE A 154 -22.55 -16.14 9.39
C ILE A 154 -21.74 -15.52 10.52
N TYR A 155 -20.56 -14.99 10.19
CA TYR A 155 -19.63 -14.43 11.18
C TYR A 155 -20.04 -13.02 11.57
N GLN A 156 -20.13 -12.78 12.88
CA GLN A 156 -20.62 -11.51 13.43
C GLN A 156 -19.43 -10.62 13.81
N ALA A 157 -19.01 -9.76 12.87
CA ALA A 157 -17.92 -8.82 13.09
C ALA A 157 -18.38 -7.52 13.76
N GLY A 158 -19.69 -7.32 13.93
CA GLY A 158 -20.23 -6.14 14.54
C GLY A 158 -20.77 -6.40 15.94
N SER A 159 -21.72 -5.55 16.34
CA SER A 159 -22.42 -5.72 17.60
C SER A 159 -23.91 -6.00 17.40
N THR A 160 -24.45 -5.67 16.23
CA THR A 160 -25.77 -6.16 15.87
C THR A 160 -25.67 -7.56 15.28
N PRO A 161 -26.62 -8.44 15.58
CA PRO A 161 -26.55 -9.81 15.05
C PRO A 161 -26.78 -9.86 13.55
N CYS A 162 -26.50 -11.04 12.99
CA CYS A 162 -26.43 -11.18 11.54
C CYS A 162 -27.59 -11.97 10.97
N ASN A 163 -28.08 -12.95 11.72
CA ASN A 163 -29.26 -13.71 11.34
C ASN A 163 -29.18 -14.17 9.88
N GLY A 164 -28.13 -14.93 9.60
CA GLY A 164 -28.01 -15.76 8.42
C GLY A 164 -27.93 -15.08 7.07
N VAL A 165 -27.64 -13.78 7.00
CA VAL A 165 -27.53 -13.10 5.71
C VAL A 165 -26.16 -12.44 5.63
N LYS A 166 -25.47 -12.64 4.50
CA LYS A 166 -24.30 -11.84 4.21
C LYS A 166 -24.65 -10.36 4.27
N GLY A 167 -23.74 -9.57 4.82
CA GLY A 167 -23.90 -8.13 4.76
C GLY A 167 -22.80 -7.47 5.55
N PHE A 168 -22.77 -6.14 5.46
CA PHE A 168 -21.85 -5.36 6.27
C PHE A 168 -21.73 -5.98 7.65
N ASN A 169 -20.50 -6.30 8.06
CA ASN A 169 -20.21 -6.91 9.35
C ASN A 169 -20.71 -8.34 9.47
N CYS A 170 -21.20 -8.94 8.40
CA CYS A 170 -21.79 -10.29 8.45
C CYS A 170 -21.16 -11.12 7.34
N TYR A 171 -20.17 -11.94 7.69
CA TYR A 171 -19.28 -12.57 6.71
C TYR A 171 -19.51 -14.06 6.71
N PHE A 172 -19.61 -14.62 5.53
CA PHE A 172 -19.61 -16.06 5.43
C PHE A 172 -18.21 -16.55 5.79
N PRO A 173 -18.06 -17.46 6.78
CA PRO A 173 -16.73 -17.73 7.34
C PRO A 173 -15.84 -18.68 6.55
N LEU A 174 -16.30 -19.30 5.46
CA LEU A 174 -15.45 -20.24 4.74
C LEU A 174 -15.27 -19.72 3.32
N GLN A 175 -14.04 -19.75 2.84
CA GLN A 175 -13.72 -19.30 1.49
C GLN A 175 -12.93 -20.38 0.76
N SER A 176 -12.77 -20.21 -0.54
CA SER A 176 -12.20 -21.24 -1.40
C SER A 176 -10.79 -20.86 -1.85
N TYR A 177 -9.90 -21.82 -1.75
CA TYR A 177 -8.55 -21.60 -2.31
C TYR A 177 -8.75 -21.76 -3.82
N GLY A 178 -8.52 -20.72 -4.60
CA GLY A 178 -8.81 -20.85 -6.04
C GLY A 178 -7.67 -21.56 -6.70
N PHE A 179 -7.60 -22.87 -6.53
CA PHE A 179 -6.42 -23.60 -7.00
C PHE A 179 -6.27 -23.57 -8.51
N GLN A 180 -5.36 -22.74 -9.01
CA GLN A 180 -5.05 -22.78 -10.42
C GLN A 180 -3.71 -23.50 -10.62
N PRO A 181 -3.65 -24.48 -11.53
CA PRO A 181 -2.42 -25.29 -11.67
C PRO A 181 -1.23 -24.55 -12.26
N THR A 182 -1.40 -23.30 -12.69
CA THR A 182 -0.28 -22.56 -13.28
C THR A 182 0.51 -21.75 -12.26
N ASN A 183 -0.10 -21.45 -11.11
CA ASN A 183 0.51 -20.62 -10.08
C ASN A 183 1.90 -21.13 -9.72
N GLY A 184 2.71 -20.28 -9.10
CA GLY A 184 3.95 -20.72 -8.48
C GLY A 184 3.69 -21.76 -7.40
N VAL A 185 4.78 -22.40 -6.98
CA VAL A 185 4.65 -23.53 -6.06
C VAL A 185 4.06 -23.10 -4.72
N GLY A 186 4.25 -21.83 -4.34
CA GLY A 186 3.71 -21.34 -3.09
C GLY A 186 2.19 -21.38 -3.01
N TYR A 187 1.51 -21.12 -4.11
CA TYR A 187 0.05 -21.04 -4.09
C TYR A 187 -0.61 -22.27 -4.69
N GLN A 188 0.08 -23.39 -4.66
CA GLN A 188 -0.43 -24.67 -5.15
C GLN A 188 -0.89 -25.55 -4.00
N PRO A 189 -1.75 -26.52 -4.25
CA PRO A 189 -2.20 -27.40 -3.17
C PRO A 189 -1.10 -28.36 -2.74
N TYR A 190 -0.99 -28.53 -1.42
CA TYR A 190 -0.15 -29.55 -0.84
C TYR A 190 -1.03 -30.42 0.04
N ARG A 191 -0.87 -31.74 -0.07
CA ARG A 191 -1.55 -32.66 0.82
C ARG A 191 -0.70 -32.88 2.07
N VAL A 192 -1.36 -32.93 3.23
CA VAL A 192 -0.71 -32.93 4.52
C VAL A 192 -1.31 -34.05 5.37
N VAL A 193 -0.45 -34.86 5.97
CA VAL A 193 -0.82 -35.88 6.93
C VAL A 193 -0.03 -35.61 8.21
N VAL A 194 -0.74 -35.43 9.33
CA VAL A 194 -0.10 -35.19 10.62
C VAL A 194 -0.26 -36.44 11.46
N LEU A 195 0.86 -37.08 11.80
CA LEU A 195 0.89 -38.30 12.60
C LEU A 195 1.20 -37.94 14.04
N SER A 196 0.23 -38.17 14.92
CA SER A 196 0.38 -37.88 16.35
C SER A 196 0.43 -39.21 17.13
N PHE A 197 1.40 -39.33 18.04
CA PHE A 197 1.67 -40.56 18.79
C PHE A 197 1.43 -40.33 20.28
N GLU A 198 0.40 -40.98 20.83
CA GLU A 198 0.00 -40.75 22.22
C GLU A 198 0.30 -41.98 23.08
N LEU A 199 0.69 -41.73 24.33
CA LEU A 199 1.01 -42.79 25.27
C LEU A 199 0.14 -42.62 26.50
N LEU A 200 -0.87 -43.46 26.65
CA LEU A 200 -1.73 -43.42 27.83
C LEU A 200 -1.36 -44.58 28.73
N HIS A 201 -2.06 -44.68 29.86
CA HIS A 201 -1.83 -45.80 30.77
C HIS A 201 -2.83 -46.92 30.49
N ALA A 202 -2.76 -47.44 29.26
CA ALA A 202 -3.66 -48.48 28.77
C ALA A 202 -2.93 -49.28 27.70
N PRO A 203 -3.36 -50.52 27.46
CA PRO A 203 -2.59 -51.43 26.59
C PRO A 203 -2.21 -50.81 25.25
N ALA A 204 -0.92 -50.52 25.07
CA ALA A 204 -0.45 -49.88 23.84
C ALA A 204 -0.49 -50.87 22.67
N THR A 205 -1.24 -50.51 21.62
CA THR A 205 -1.59 -51.46 20.56
C THR A 205 -0.96 -51.17 19.19
N VAL A 206 -0.32 -50.01 19.01
CA VAL A 206 0.28 -49.68 17.73
C VAL A 206 1.80 -49.77 17.80
N CYS A 207 2.34 -50.93 17.46
CA CYS A 207 3.77 -51.18 17.54
C CYS A 207 4.39 -51.19 16.15
N GLY A 208 5.69 -50.87 16.09
CA GLY A 208 6.49 -51.21 14.94
C GLY A 208 6.92 -52.66 15.00
N PRO A 209 7.51 -53.15 13.91
CA PRO A 209 7.90 -54.56 13.92
C PRO A 209 9.28 -54.81 14.57
N GLU B 1 -22.03 5.58 14.74
CA GLU B 1 -21.94 5.33 13.30
C GLU B 1 -20.67 4.55 12.97
N VAL B 2 -20.50 4.16 11.70
CA VAL B 2 -19.35 3.37 11.27
C VAL B 2 -18.18 4.31 11.01
N GLN B 3 -17.15 4.24 11.86
CA GLN B 3 -16.03 5.14 11.68
C GLN B 3 -14.83 4.66 12.46
N LEU B 4 -13.65 4.92 11.90
CA LEU B 4 -12.41 4.82 12.65
C LEU B 4 -11.87 6.23 12.83
N VAL B 5 -11.54 6.57 14.07
CA VAL B 5 -11.15 7.93 14.45
C VAL B 5 -9.71 7.88 14.97
N GLU B 6 -8.77 8.31 14.14
CA GLU B 6 -7.37 8.22 14.49
C GLU B 6 -6.88 9.48 15.18
N SER B 7 -5.71 9.36 15.81
CA SER B 7 -5.01 10.46 16.47
C SER B 7 -3.61 9.98 16.81
N GLY B 8 -2.69 10.94 16.97
CA GLY B 8 -1.46 10.69 17.69
C GLY B 8 -0.17 10.89 16.92
N GLY B 9 -0.17 11.31 15.67
CA GLY B 9 1.07 11.55 14.96
C GLY B 9 1.45 13.01 15.03
N GLY B 10 2.67 13.29 14.57
CA GLY B 10 3.18 14.66 14.49
C GLY B 10 4.68 14.66 14.24
N LEU B 11 5.40 15.63 14.80
CA LEU B 11 6.86 15.64 14.69
C LEU B 11 7.51 14.69 15.70
N ILE B 12 8.60 14.05 15.27
CA ILE B 12 9.39 13.25 16.21
C ILE B 12 10.81 13.11 15.65
N GLN B 13 11.82 13.15 16.55
CA GLN B 13 13.17 12.96 16.01
C GLN B 13 13.43 11.49 15.68
N PRO B 14 14.36 11.20 14.78
CA PRO B 14 14.75 9.80 14.57
C PRO B 14 15.17 9.15 15.86
N GLY B 15 14.78 7.88 16.06
CA GLY B 15 15.05 7.19 17.29
C GLY B 15 14.04 7.43 18.38
N GLY B 16 13.18 8.44 18.22
CA GLY B 16 12.07 8.64 19.12
C GLY B 16 10.94 7.69 18.79
N SER B 17 9.83 7.86 19.52
CA SER B 17 8.70 6.98 19.29
C SER B 17 7.39 7.75 19.43
N LEU B 18 6.31 7.17 18.86
CA LEU B 18 4.96 7.71 18.86
C LEU B 18 3.99 6.58 19.20
N ARG B 19 2.74 6.92 19.48
CA ARG B 19 1.71 5.88 19.64
C ARG B 19 0.43 6.33 18.95
N LEU B 20 0.16 5.76 17.77
CA LEU B 20 -1.05 6.03 17.01
C LEU B 20 -2.25 5.33 17.63
N SER B 21 -3.43 5.94 17.43
CA SER B 21 -4.66 5.52 18.11
C SER B 21 -5.83 5.51 17.13
N CYS B 22 -6.45 4.34 16.94
CA CYS B 22 -7.60 4.18 16.04
C CYS B 22 -8.83 3.81 16.87
N ALA B 23 -9.67 4.80 17.14
CA ALA B 23 -10.89 4.60 17.92
C ALA B 23 -12.00 4.04 17.03
N ALA B 24 -12.42 2.80 17.30
CA ALA B 24 -13.41 2.15 16.45
C ALA B 24 -14.80 2.38 17.01
N SER B 25 -15.75 2.57 16.09
CA SER B 25 -17.17 2.68 16.43
C SER B 25 -17.97 2.23 15.22
N GLY B 26 -18.85 1.24 15.40
CA GLY B 26 -19.62 0.68 14.30
C GLY B 26 -19.12 -0.68 13.81
N LEU B 27 -18.07 -1.21 14.42
CA LEU B 27 -17.53 -2.55 14.21
C LEU B 27 -16.72 -2.84 15.46
N ILE B 28 -16.43 -4.11 15.72
CA ILE B 28 -15.66 -4.49 16.90
C ILE B 28 -14.26 -4.88 16.46
N VAL B 29 -13.24 -4.18 16.98
CA VAL B 29 -11.90 -4.46 16.48
C VAL B 29 -11.42 -5.82 16.98
N SER B 30 -11.97 -6.32 18.09
CA SER B 30 -11.64 -7.66 18.59
C SER B 30 -12.27 -8.77 17.74
N SER B 31 -13.22 -8.42 16.87
CA SER B 31 -13.85 -9.36 15.97
C SER B 31 -13.36 -9.19 14.53
N ASN B 32 -12.14 -8.68 14.35
CA ASN B 32 -11.78 -8.25 13.02
C ASN B 32 -10.28 -8.29 12.75
N TYR B 33 -9.95 -8.51 11.47
CA TYR B 33 -8.62 -8.17 10.94
C TYR B 33 -8.51 -6.66 10.87
N MET B 34 -7.81 -6.06 11.82
CA MET B 34 -7.55 -4.62 11.82
C MET B 34 -6.11 -4.38 11.39
N SER B 35 -5.92 -3.67 10.29
CA SER B 35 -4.58 -3.39 9.76
C SER B 35 -4.24 -1.90 9.90
N TRP B 36 -2.93 -1.60 9.96
CA TRP B 36 -2.41 -0.26 9.74
C TRP B 36 -1.80 -0.19 8.35
N VAL B 37 -2.09 0.90 7.64
CA VAL B 37 -1.58 1.16 6.31
C VAL B 37 -0.97 2.55 6.27
N ARG B 38 0.18 2.67 5.62
CA ARG B 38 0.85 3.95 5.46
C ARG B 38 1.03 4.30 3.99
N GLN B 39 1.15 5.59 3.73
CA GLN B 39 1.28 6.14 2.38
C GLN B 39 2.32 7.25 2.46
N ALA B 40 3.50 6.99 1.89
CA ALA B 40 4.53 8.01 1.81
C ALA B 40 4.09 9.08 0.83
N PRO B 41 4.60 10.33 0.97
CA PRO B 41 4.18 11.41 0.07
C PRO B 41 4.23 11.06 -1.41
N GLY B 42 3.06 11.07 -2.05
CA GLY B 42 2.91 10.75 -3.45
C GLY B 42 3.22 9.32 -3.87
N LYS B 43 3.10 8.34 -2.96
CA LYS B 43 3.70 7.04 -3.22
C LYS B 43 2.79 5.83 -3.12
N GLY B 44 1.52 5.98 -2.75
CA GLY B 44 0.61 4.85 -2.74
C GLY B 44 0.68 4.00 -1.48
N LEU B 45 -0.24 3.03 -1.40
CA LEU B 45 -0.62 2.37 -0.15
C LEU B 45 0.25 1.14 0.11
N GLU B 46 0.91 1.12 1.26
CA GLU B 46 1.80 0.05 1.70
C GLU B 46 1.26 -0.45 3.05
N TRP B 47 1.03 -1.76 3.15
CA TRP B 47 0.54 -2.36 4.40
C TRP B 47 1.65 -2.45 5.43
N VAL B 48 1.31 -2.20 6.70
CA VAL B 48 2.30 -2.08 7.76
C VAL B 48 2.18 -3.19 8.81
N SER B 49 0.98 -3.41 9.36
CA SER B 49 0.83 -4.58 10.23
C SER B 49 -0.65 -4.90 10.45
N VAL B 50 -0.90 -6.12 10.98
CA VAL B 50 -2.24 -6.67 11.19
C VAL B 50 -2.44 -7.08 12.63
N LEU B 51 -3.70 -7.01 13.07
CA LEU B 51 -4.18 -7.58 14.33
C LEU B 51 -5.31 -8.55 14.01
N TYR B 52 -5.01 -9.86 14.08
CA TYR B 52 -6.00 -10.90 13.89
C TYR B 52 -7.02 -10.90 15.01
N ALA B 53 -8.29 -11.11 14.66
CA ALA B 53 -9.34 -11.21 15.67
C ALA B 53 -8.90 -12.07 16.85
N GLY B 54 -8.19 -13.17 16.57
CA GLY B 54 -7.74 -14.08 17.61
C GLY B 54 -6.54 -13.59 18.38
N GLY B 55 -5.78 -12.65 17.84
CA GLY B 55 -4.74 -11.97 18.58
C GLY B 55 -3.33 -12.08 18.01
N SER B 56 -3.12 -12.93 17.01
CA SER B 56 -1.86 -13.01 16.32
C SER B 56 -1.58 -11.73 15.54
N THR B 57 -0.32 -11.54 15.18
CA THR B 57 0.07 -10.29 14.53
C THR B 57 1.07 -10.59 13.42
N ASP B 58 1.04 -9.75 12.40
CA ASP B 58 2.08 -9.73 11.39
C ASP B 58 2.58 -8.30 11.17
N TYR B 59 3.79 -8.20 10.62
CA TYR B 59 4.38 -6.90 10.35
C TYR B 59 5.13 -6.92 9.02
N ALA B 60 5.28 -5.73 8.44
CA ALA B 60 6.05 -5.56 7.23
C ALA B 60 7.53 -5.62 7.54
N GLY B 61 8.30 -6.20 6.62
CA GLY B 61 9.73 -6.36 6.82
C GLY B 61 10.39 -5.19 7.52
N SER B 62 10.09 -3.97 7.03
CA SER B 62 10.73 -2.75 7.50
C SER B 62 10.43 -2.47 8.97
N VAL B 63 9.15 -2.54 9.37
CA VAL B 63 8.79 -2.14 10.72
C VAL B 63 8.99 -3.24 11.76
N LYS B 64 9.36 -4.44 11.32
CA LYS B 64 9.38 -5.61 12.19
C LYS B 64 10.39 -5.43 13.30
N GLY B 65 9.91 -5.45 14.54
CA GLY B 65 10.79 -5.30 15.67
C GLY B 65 11.01 -3.88 16.10
N ARG B 66 10.30 -2.93 15.50
CA ARG B 66 10.23 -1.52 15.89
C ARG B 66 8.81 -1.06 16.18
N PHE B 67 7.81 -1.57 15.46
CA PHE B 67 6.40 -1.27 15.70
C PHE B 67 5.73 -2.40 16.47
N THR B 68 4.61 -2.08 17.14
CA THR B 68 3.86 -3.07 17.92
C THR B 68 2.37 -2.71 17.91
N ILE B 69 1.57 -3.49 17.17
CA ILE B 69 0.12 -3.35 17.12
C ILE B 69 -0.48 -4.00 18.36
N SER B 70 -1.57 -3.43 18.86
CA SER B 70 -2.17 -3.89 20.09
C SER B 70 -3.60 -3.39 20.12
N ARG B 71 -4.40 -3.89 21.05
CA ARG B 71 -5.73 -3.32 21.19
C ARG B 71 -6.14 -3.34 22.65
N ASP B 72 -7.20 -2.60 22.91
CA ASP B 72 -7.82 -2.51 24.23
C ASP B 72 -9.32 -2.61 23.95
N ASN B 73 -9.91 -3.77 24.25
CA ASN B 73 -11.28 -3.99 23.81
C ASN B 73 -12.28 -3.19 24.65
N SER B 74 -11.89 -2.73 25.85
CA SER B 74 -12.79 -1.88 26.64
C SER B 74 -13.04 -0.54 25.94
N LYS B 75 -11.99 0.02 25.34
CA LYS B 75 -12.09 1.26 24.58
C LYS B 75 -12.35 1.04 23.10
N ASN B 76 -12.30 -0.21 22.62
CA ASN B 76 -12.57 -0.55 21.23
C ASN B 76 -11.64 0.25 20.31
N THR B 77 -10.36 0.07 20.56
CA THR B 77 -9.34 0.89 19.96
C THR B 77 -8.21 0.00 19.47
N LEU B 78 -7.75 0.30 18.25
CA LEU B 78 -6.53 -0.26 17.71
C LEU B 78 -5.39 0.69 18.00
N TYR B 79 -4.21 0.13 18.24
CA TYR B 79 -3.06 0.93 18.61
C TYR B 79 -1.88 0.50 17.75
N LEU B 80 -1.01 1.46 17.45
CA LEU B 80 0.29 1.18 16.82
C LEU B 80 1.36 1.91 17.61
N GLN B 81 2.29 1.15 18.17
CA GLN B 81 3.41 1.70 18.91
C GLN B 81 4.61 1.69 17.99
N MET B 82 5.03 2.87 17.54
CA MET B 82 6.16 3.03 16.64
C MET B 82 7.37 3.47 17.46
N ASN B 83 8.33 2.57 17.66
CA ASN B 83 9.56 2.88 18.36
C ASN B 83 10.71 2.89 17.36
N SER B 84 11.88 3.33 17.84
CA SER B 84 13.07 3.41 17.00
C SER B 84 12.71 3.99 15.63
N LEU B 85 11.87 5.03 15.64
CA LEU B 85 11.40 5.63 14.40
C LEU B 85 12.55 6.12 13.53
N ARG B 86 12.34 6.08 12.23
CA ARG B 86 13.35 6.55 11.28
C ARG B 86 12.67 7.50 10.30
N ALA B 87 13.48 8.23 9.52
CA ALA B 87 12.90 9.22 8.62
C ALA B 87 12.06 8.55 7.53
N GLU B 88 12.36 7.29 7.20
CA GLU B 88 11.61 6.58 6.16
C GLU B 88 10.14 6.43 6.54
N ASP B 89 9.85 6.16 7.81
CA ASP B 89 8.48 5.97 8.23
C ASP B 89 7.61 7.20 8.01
N THR B 90 8.18 8.34 7.63
CA THR B 90 7.42 9.55 7.34
C THR B 90 6.33 9.25 6.33
N ALA B 91 5.08 9.26 6.77
CA ALA B 91 3.96 9.11 5.86
C ALA B 91 2.68 9.49 6.61
N VAL B 92 1.57 9.32 5.94
CA VAL B 92 0.26 9.32 6.56
C VAL B 92 -0.06 7.88 6.94
N TYR B 93 -0.57 7.66 8.14
CA TYR B 93 -0.93 6.33 8.59
C TYR B 93 -2.44 6.24 8.68
N TYR B 94 -3.02 5.32 7.94
CA TYR B 94 -4.42 4.96 8.07
C TYR B 94 -4.55 3.70 8.93
N CYS B 95 -5.69 3.58 9.58
CA CYS B 95 -6.12 2.31 10.15
C CYS B 95 -7.33 1.84 9.36
N ALA B 96 -7.44 0.53 9.17
CA ALA B 96 -8.56 0.01 8.39
C ALA B 96 -8.98 -1.34 8.96
N ARG B 97 -10.22 -1.70 8.66
CA ARG B 97 -10.76 -3.02 9.00
C ARG B 97 -10.77 -3.84 7.72
N ASP B 98 -9.90 -4.84 7.66
CA ASP B 98 -9.75 -5.67 6.49
C ASP B 98 -10.81 -6.76 6.52
N ALA B 99 -11.76 -6.72 5.58
CA ALA B 99 -12.83 -7.74 5.54
C ALA B 99 -12.42 -8.75 4.49
N ALA B 100 -11.14 -8.75 4.16
CA ALA B 100 -10.57 -9.72 3.23
C ALA B 100 -11.34 -9.82 1.91
N VAL B 101 -12.00 -10.94 1.67
CA VAL B 101 -12.68 -11.21 0.38
C VAL B 101 -13.64 -10.08 0.08
N TYR B 102 -14.14 -9.46 1.13
CA TYR B 102 -15.15 -8.43 0.97
C TYR B 102 -14.56 -7.04 0.77
N GLY B 103 -13.25 -6.89 0.93
CA GLY B 103 -12.57 -5.61 0.75
C GLY B 103 -12.11 -5.01 2.07
N ILE B 104 -11.36 -3.92 1.94
CA ILE B 104 -11.04 -3.05 3.05
C ILE B 104 -12.06 -1.94 2.99
N ASP B 105 -13.13 -2.05 3.78
CA ASP B 105 -14.30 -1.20 3.60
C ASP B 105 -14.37 0.02 4.52
N VAL B 106 -13.67 0.01 5.67
CA VAL B 106 -13.70 1.10 6.64
C VAL B 106 -12.27 1.61 6.86
N TRP B 107 -12.03 2.85 6.48
CA TRP B 107 -10.75 3.51 6.71
C TRP B 107 -10.91 4.67 7.69
N GLY B 108 -9.94 4.83 8.58
CA GLY B 108 -9.86 6.04 9.37
C GLY B 108 -9.37 7.21 8.53
N GLN B 109 -9.52 8.42 9.08
CA GLN B 109 -9.23 9.65 8.34
C GLN B 109 -7.74 9.85 8.06
N GLY B 110 -6.87 9.11 8.72
CA GLY B 110 -5.46 9.30 8.51
C GLY B 110 -4.93 10.29 9.53
N THR B 111 -3.71 10.03 10.02
CA THR B 111 -2.96 10.95 10.86
C THR B 111 -1.57 11.00 10.26
N THR B 112 -0.92 12.16 10.30
CA THR B 112 0.32 12.34 9.58
C THR B 112 1.50 12.31 10.55
N VAL B 113 2.51 11.50 10.22
CA VAL B 113 3.71 11.32 11.04
C VAL B 113 4.94 11.77 10.26
N THR B 114 5.59 12.83 10.74
CA THR B 114 6.81 13.37 10.13
C THR B 114 8.00 13.04 11.04
N VAL B 115 8.96 12.30 10.52
CA VAL B 115 10.18 11.97 11.23
C VAL B 115 11.30 12.76 10.58
N SER B 116 11.94 13.64 11.37
CA SER B 116 12.95 14.56 10.85
C SER B 116 13.78 15.06 12.01
N SER B 117 15.09 15.18 11.78
CA SER B 117 16.00 15.80 12.72
C SER B 117 16.18 17.29 12.45
N ALA B 118 15.39 17.84 11.54
CA ALA B 118 15.48 19.23 11.15
C ALA B 118 14.99 20.15 12.25
N SER B 119 15.73 21.23 12.49
CA SER B 119 15.24 22.31 13.37
C SER B 119 14.18 23.08 12.64
N THR B 120 13.13 23.50 13.33
CA THR B 120 12.12 24.25 12.61
C THR B 120 12.68 25.65 12.29
N LYS B 121 12.43 26.12 11.07
CA LYS B 121 13.09 27.30 10.52
C LYS B 121 12.19 27.96 9.48
N GLY B 122 12.03 29.27 9.58
CA GLY B 122 11.27 30.03 8.60
C GLY B 122 12.01 30.22 7.28
N PRO B 123 11.27 30.40 6.20
CA PRO B 123 11.90 30.45 4.89
C PRO B 123 12.66 31.76 4.68
N SER B 124 13.47 31.75 3.64
CA SER B 124 13.97 32.96 2.99
C SER B 124 13.15 33.14 1.72
N VAL B 125 12.85 34.39 1.36
CA VAL B 125 12.02 34.68 0.20
C VAL B 125 12.88 35.36 -0.84
N PHE B 126 13.19 34.65 -1.89
CA PHE B 126 13.98 35.35 -2.87
C PHE B 126 13.12 35.67 -4.08
N PRO B 127 13.41 36.75 -4.80
CA PRO B 127 12.55 37.12 -5.93
C PRO B 127 12.96 36.41 -7.21
N LEU B 128 11.97 35.88 -7.92
CA LEU B 128 12.09 35.36 -9.28
C LEU B 128 11.61 36.49 -10.18
N ALA B 129 12.62 37.32 -10.80
CA ALA B 129 12.38 38.59 -11.47
C ALA B 129 11.91 38.42 -12.91
N PRO B 130 11.12 39.37 -13.42
CA PRO B 130 10.74 39.35 -14.83
C PRO B 130 11.90 39.73 -15.75
N SER B 131 11.84 39.25 -16.99
CA SER B 131 12.97 39.39 -17.93
C SER B 131 12.70 40.35 -19.10
N GLY B 138 3.17 40.67 -25.23
CA GLY B 138 3.26 39.36 -24.61
C GLY B 138 3.07 39.39 -23.10
N THR B 139 3.29 38.23 -22.49
CA THR B 139 3.08 38.05 -21.06
C THR B 139 4.41 37.77 -20.36
N ALA B 140 4.58 38.38 -19.19
CA ALA B 140 5.74 38.20 -18.33
C ALA B 140 5.40 37.30 -17.15
N ALA B 141 6.40 36.60 -16.64
CA ALA B 141 6.21 35.75 -15.47
C ALA B 141 7.21 36.15 -14.39
N LEU B 142 6.72 36.19 -13.15
CA LEU B 142 7.50 36.55 -11.98
C LEU B 142 7.02 35.68 -10.83
N GLY B 143 7.71 35.76 -9.70
CA GLY B 143 7.34 34.92 -8.57
C GLY B 143 8.33 35.07 -7.43
N CYS B 144 8.24 34.12 -6.50
CA CYS B 144 8.98 34.14 -5.25
C CYS B 144 9.50 32.73 -4.98
N LEU B 145 10.78 32.60 -4.69
CA LEU B 145 11.35 31.36 -4.19
C LEU B 145 11.24 31.38 -2.66
N VAL B 146 10.44 30.46 -2.11
CA VAL B 146 10.21 30.35 -0.67
C VAL B 146 11.10 29.20 -0.19
N LYS B 147 12.36 29.51 0.15
CA LYS B 147 13.40 28.50 0.30
C LYS B 147 13.75 28.23 1.76
N ASP B 148 14.05 26.95 2.05
CA ASP B 148 14.71 26.48 3.28
C ASP B 148 13.87 26.76 4.54
N TYR B 149 12.70 26.10 4.61
CA TYR B 149 11.88 26.17 5.82
C TYR B 149 11.59 24.78 6.38
N PHE B 150 11.04 24.74 7.59
CA PHE B 150 10.59 23.52 8.24
C PHE B 150 9.82 23.82 9.52
N PRO B 151 8.75 23.07 9.83
CA PRO B 151 8.19 21.97 9.04
C PRO B 151 7.18 22.55 8.08
N GLU B 152 6.47 21.71 7.35
CA GLU B 152 5.37 22.22 6.54
C GLU B 152 4.35 22.87 7.49
N PRO B 153 3.39 23.67 6.99
CA PRO B 153 3.16 24.11 5.62
C PRO B 153 3.59 25.55 5.41
N VAL B 154 3.35 26.07 4.21
CA VAL B 154 3.54 27.49 3.91
C VAL B 154 2.38 27.96 3.03
N THR B 155 1.96 29.20 3.23
CA THR B 155 0.90 29.78 2.39
C THR B 155 1.45 31.02 1.69
N VAL B 156 1.10 31.18 0.42
CA VAL B 156 1.58 32.31 -0.39
C VAL B 156 0.37 32.96 -1.04
N SER B 157 0.35 34.29 -1.03
CA SER B 157 -0.62 35.06 -1.79
C SER B 157 0.08 36.30 -2.32
N TRP B 158 -0.59 36.99 -3.23
CA TRP B 158 0.01 38.13 -3.92
C TRP B 158 -0.80 39.40 -3.70
N ASN B 159 -0.10 40.49 -3.37
CA ASN B 159 -0.76 41.76 -3.13
C ASN B 159 -1.87 41.61 -2.10
N SER B 160 -1.68 40.72 -1.13
CA SER B 160 -2.54 40.60 0.03
C SER B 160 -3.91 40.05 -0.31
N GLY B 161 -4.13 39.64 -1.56
CA GLY B 161 -5.40 39.06 -1.96
C GLY B 161 -5.91 39.65 -3.27
N ALA B 162 -5.29 40.74 -3.70
CA ALA B 162 -5.68 41.46 -4.90
C ALA B 162 -5.14 40.84 -6.18
N LEU B 163 -4.38 39.75 -6.09
CA LEU B 163 -3.76 39.11 -7.24
C LEU B 163 -4.01 37.61 -7.14
N THR B 164 -4.87 37.11 -8.00
CA THR B 164 -5.13 35.68 -7.99
C THR B 164 -5.02 35.07 -9.38
N SER B 165 -5.43 35.79 -10.42
CA SER B 165 -5.42 35.22 -11.76
C SER B 165 -4.01 34.90 -12.20
N GLY B 166 -3.83 33.67 -12.68
CA GLY B 166 -2.55 33.28 -13.23
C GLY B 166 -1.48 32.99 -12.21
N VAL B 167 -1.87 32.75 -10.94
CA VAL B 167 -0.95 32.43 -9.85
C VAL B 167 -0.90 30.92 -9.66
N HIS B 168 0.31 30.41 -9.45
CA HIS B 168 0.56 28.99 -9.21
C HIS B 168 1.53 28.89 -8.04
N THR B 169 1.06 28.32 -6.94
CA THR B 169 1.90 28.06 -5.77
C THR B 169 2.16 26.56 -5.78
N PHE B 170 3.35 26.17 -6.21
CA PHE B 170 3.66 24.76 -6.33
C PHE B 170 3.73 24.11 -4.95
N PRO B 171 3.59 22.79 -4.89
CA PRO B 171 3.83 22.06 -3.65
C PRO B 171 5.31 22.10 -3.27
N ALA B 172 5.56 21.91 -1.98
CA ALA B 172 6.94 21.91 -1.52
C ALA B 172 7.66 20.65 -1.98
N VAL B 173 8.95 20.79 -2.23
CA VAL B 173 9.85 19.67 -2.34
C VAL B 173 10.61 19.59 -1.03
N LEU B 174 11.17 18.42 -0.74
CA LEU B 174 12.00 18.25 0.47
C LEU B 174 13.41 18.06 -0.01
N GLN B 175 14.31 18.94 0.40
CA GLN B 175 15.68 18.91 -0.10
C GLN B 175 16.50 17.93 0.72
N SER B 176 17.72 17.64 0.29
CA SER B 176 18.65 16.74 1.02
C SER B 176 19.11 17.38 2.32
N SER B 177 18.55 18.53 2.69
CA SER B 177 18.88 19.25 3.94
C SER B 177 17.83 18.93 4.97
N GLY B 178 16.73 18.30 4.56
CA GLY B 178 15.62 18.03 5.47
C GLY B 178 14.75 19.24 5.54
N LEU B 179 15.03 20.20 4.67
CA LEU B 179 14.31 21.47 4.69
C LEU B 179 13.48 21.55 3.42
N TYR B 180 12.25 22.04 3.54
CA TYR B 180 11.36 22.20 2.41
C TYR B 180 11.65 23.49 1.66
N SER B 181 11.22 23.53 0.40
CA SER B 181 11.26 24.78 -0.34
C SER B 181 10.23 24.68 -1.46
N LEU B 182 9.61 25.81 -1.80
CA LEU B 182 8.64 25.90 -2.89
C LEU B 182 8.77 27.26 -3.57
N SER B 183 8.17 27.37 -4.75
CA SER B 183 8.07 28.63 -5.46
C SER B 183 6.59 28.94 -5.75
N SER B 184 6.25 30.22 -5.75
CA SER B 184 4.95 30.71 -6.20
C SER B 184 5.23 31.67 -7.36
N VAL B 185 4.56 31.46 -8.49
CA VAL B 185 4.73 32.27 -9.70
C VAL B 185 3.39 32.88 -10.10
N VAL B 186 3.46 33.93 -10.91
CA VAL B 186 2.25 34.52 -11.50
C VAL B 186 2.61 35.15 -12.83
N THR B 187 1.69 35.07 -13.80
CA THR B 187 1.84 35.71 -15.09
C THR B 187 1.01 36.99 -15.13
N VAL B 188 1.63 38.06 -15.61
CA VAL B 188 0.99 39.38 -15.70
C VAL B 188 1.41 40.03 -17.01
N PRO B 189 0.62 40.98 -17.50
CA PRO B 189 0.99 41.66 -18.75
C PRO B 189 2.35 42.32 -18.60
N SER B 190 3.21 42.12 -19.60
CA SER B 190 4.53 42.76 -19.54
C SER B 190 4.40 44.29 -19.52
N SER B 191 3.26 44.84 -19.92
CA SER B 191 3.06 46.29 -19.95
C SER B 191 2.90 46.87 -18.55
N SER B 192 2.42 46.07 -17.61
CA SER B 192 2.30 46.50 -16.22
C SER B 192 3.63 46.44 -15.48
N LEU B 193 4.69 45.99 -16.13
CA LEU B 193 5.91 45.66 -15.42
C LEU B 193 6.48 46.88 -14.71
N GLY B 194 6.59 48.00 -15.41
CA GLY B 194 7.10 49.20 -14.79
C GLY B 194 6.12 50.01 -13.95
N THR B 195 4.85 49.58 -13.87
CA THR B 195 3.80 50.43 -13.31
C THR B 195 3.00 49.77 -12.20
N GLN B 196 2.91 48.45 -12.20
CA GLN B 196 2.09 47.72 -11.23
C GLN B 196 3.00 47.07 -10.20
N THR B 197 2.71 47.30 -8.92
CA THR B 197 3.49 46.71 -7.85
C THR B 197 3.06 45.28 -7.57
N TYR B 198 4.02 44.34 -7.61
CA TYR B 198 3.78 42.93 -7.32
C TYR B 198 4.54 42.52 -6.05
N ILE B 199 3.81 42.19 -5.00
CA ILE B 199 4.38 41.74 -3.74
C ILE B 199 3.81 40.38 -3.38
N CYS B 200 4.66 39.49 -2.89
CA CYS B 200 4.23 38.17 -2.43
C CYS B 200 4.30 38.13 -0.90
N ASN B 201 3.23 37.57 -0.31
CA ASN B 201 3.02 37.52 1.13
C ASN B 201 3.17 36.07 1.54
N VAL B 202 4.29 35.75 2.17
CA VAL B 202 4.59 34.40 2.62
C VAL B 202 4.34 34.32 4.12
N ASN B 203 3.57 33.33 4.55
CA ASN B 203 3.37 33.09 5.97
C ASN B 203 3.82 31.66 6.29
N HIS B 204 4.44 31.51 7.46
CA HIS B 204 4.90 30.21 7.93
C HIS B 204 4.75 30.19 9.45
N LYS B 205 3.67 29.57 9.92
CA LYS B 205 3.26 29.71 11.31
C LYS B 205 4.21 28.98 12.23
N PRO B 206 4.66 27.77 11.88
CA PRO B 206 5.53 27.02 12.79
C PRO B 206 6.73 27.83 13.28
N SER B 207 7.07 28.91 12.58
CA SER B 207 8.18 29.76 12.97
C SER B 207 7.76 31.22 13.19
N ASN B 208 6.45 31.50 13.25
CA ASN B 208 5.94 32.86 13.46
C ASN B 208 6.59 33.85 12.50
N THR B 209 6.75 33.41 11.25
CA THR B 209 7.39 34.20 10.19
C THR B 209 6.35 34.65 9.19
N LYS B 210 6.28 35.96 8.95
CA LYS B 210 5.58 36.55 7.81
C LYS B 210 6.58 37.39 7.05
N VAL B 211 6.55 37.27 5.73
CA VAL B 211 7.42 38.07 4.88
C VAL B 211 6.59 38.58 3.71
N ASP B 212 6.84 39.83 3.34
CA ASP B 212 6.42 40.35 2.05
C ASP B 212 7.68 40.58 1.23
N LYS B 213 7.56 40.56 -0.09
CA LYS B 213 8.72 40.90 -0.89
C LYS B 213 8.25 41.52 -2.19
N LYS B 214 8.60 42.79 -2.40
CA LYS B 214 8.40 43.38 -3.71
C LYS B 214 9.28 42.65 -4.70
N VAL B 215 8.72 42.36 -5.87
CA VAL B 215 9.44 41.71 -6.95
C VAL B 215 9.36 42.66 -8.13
N GLU B 216 10.52 43.09 -8.64
CA GLU B 216 10.59 44.03 -9.77
C GLU B 216 11.75 43.69 -10.68
N PRO B 217 11.79 44.21 -11.90
CA PRO B 217 12.89 43.87 -12.82
C PRO B 217 14.21 44.44 -12.33
N LYS B 218 15.30 43.90 -12.87
CA LYS B 218 16.65 44.27 -12.44
C LYS B 218 17.43 44.87 -13.62
N SER B 219 18.65 45.34 -13.34
CA SER B 219 19.64 45.69 -14.38
C SER B 219 20.92 46.26 -13.77
N ASP C 1 5.12 -14.36 -3.64
CA ASP C 1 4.28 -13.17 -3.47
C ASP C 1 3.69 -12.69 -4.79
N ILE C 2 2.83 -11.67 -4.71
CA ILE C 2 2.04 -11.22 -5.85
C ILE C 2 2.23 -9.71 -6.00
N GLN C 3 2.90 -9.29 -7.07
CA GLN C 3 2.98 -7.88 -7.40
C GLN C 3 1.79 -7.50 -8.29
N MET C 4 1.46 -6.22 -8.28
CA MET C 4 0.31 -5.75 -9.05
C MET C 4 0.76 -4.65 -10.00
N THR C 5 0.25 -4.69 -11.23
CA THR C 5 0.51 -3.69 -12.24
C THR C 5 -0.81 -3.08 -12.69
N GLN C 6 -0.76 -1.81 -13.10
CA GLN C 6 -1.97 -1.07 -13.55
C GLN C 6 -1.62 -0.50 -14.92
N SER C 7 -2.48 -0.70 -15.92
CA SER C 7 -2.10 -0.35 -17.31
C SER C 7 -2.00 1.13 -17.64
N PRO C 8 -3.08 1.93 -17.73
CA PRO C 8 -2.93 3.28 -18.21
C PRO C 8 -1.93 4.16 -17.46
N SER C 9 -1.80 4.07 -16.13
CA SER C 9 -0.94 4.98 -15.31
C SER C 9 -1.60 6.33 -15.23
N SER C 10 -1.63 7.04 -16.34
CA SER C 10 -2.42 8.29 -16.40
C SER C 10 -3.41 8.05 -17.52
N LEU C 11 -4.67 8.46 -17.37
CA LEU C 11 -5.70 8.33 -18.43
C LEU C 11 -6.47 9.66 -18.53
N SER C 12 -6.67 10.15 -19.76
CA SER C 12 -7.45 11.40 -19.97
C SER C 12 -8.84 11.04 -20.47
N ALA C 13 -9.84 11.64 -19.85
CA ALA C 13 -11.22 11.31 -20.21
C ALA C 13 -12.11 12.51 -19.90
N SER C 14 -13.28 12.55 -20.51
CA SER C 14 -14.19 13.68 -20.37
C SER C 14 -15.49 13.23 -19.70
N VAL C 15 -16.21 14.20 -19.13
CA VAL C 15 -17.48 13.89 -18.48
C VAL C 15 -18.35 13.14 -19.49
N GLY C 16 -18.82 11.96 -19.10
CA GLY C 16 -19.75 11.21 -19.91
C GLY C 16 -19.15 10.03 -20.65
N ASP C 17 -17.84 9.87 -20.63
CA ASP C 17 -17.17 8.78 -21.33
C ASP C 17 -17.30 7.47 -20.57
N ARG C 18 -16.88 6.40 -21.23
CA ARG C 18 -16.83 5.06 -20.67
C ARG C 18 -15.35 4.72 -20.47
N VAL C 19 -14.85 4.90 -19.24
CA VAL C 19 -13.43 4.76 -18.93
C VAL C 19 -13.17 3.36 -18.38
N THR C 20 -12.02 2.80 -18.75
CA THR C 20 -11.66 1.41 -18.44
C THR C 20 -10.25 1.35 -17.89
N ILE C 21 -10.13 1.04 -16.59
CA ILE C 21 -8.83 0.85 -15.94
C ILE C 21 -8.52 -0.63 -15.83
N THR C 22 -7.24 -0.99 -15.96
CA THR C 22 -6.79 -2.38 -15.95
C THR C 22 -5.90 -2.67 -14.75
N CYS C 23 -5.93 -3.92 -14.31
CA CYS C 23 -5.10 -4.42 -13.21
C CYS C 23 -4.70 -5.85 -13.51
N ARG C 24 -3.58 -6.27 -12.93
CA ARG C 24 -2.96 -7.53 -13.31
C ARG C 24 -2.13 -8.04 -12.15
N ALA C 25 -2.25 -9.35 -11.90
CA ALA C 25 -1.50 -9.99 -10.81
C ALA C 25 -0.39 -10.85 -11.38
N SER C 26 0.72 -10.97 -10.66
CA SER C 26 1.83 -11.85 -11.07
C SER C 26 1.39 -13.31 -11.00
N GLN C 27 0.28 -13.57 -10.31
CA GLN C 27 -0.25 -14.95 -10.19
C GLN C 27 -1.74 -14.97 -10.52
N SER C 28 -2.34 -16.15 -10.61
CA SER C 28 -3.82 -16.26 -10.78
C SER C 28 -4.44 -16.16 -9.40
N ILE C 29 -5.22 -15.11 -9.15
CA ILE C 29 -5.74 -14.85 -7.78
C ILE C 29 -7.26 -14.97 -7.79
N SER C 30 -7.80 -15.80 -8.68
CA SER C 30 -9.26 -16.00 -8.77
C SER C 30 -9.97 -14.65 -8.84
N SER C 31 -11.04 -14.49 -8.09
CA SER C 31 -11.78 -13.22 -8.06
C SER C 31 -11.38 -12.51 -6.78
N TYR C 32 -10.16 -12.71 -6.31
CA TYR C 32 -9.79 -12.15 -4.99
C TYR C 32 -9.25 -10.76 -5.25
N LEU C 33 -10.08 -9.89 -5.81
CA LEU C 33 -9.57 -8.57 -6.19
C LEU C 33 -10.56 -7.47 -5.80
N ASN C 34 -10.02 -6.34 -5.33
CA ASN C 34 -10.83 -5.22 -4.88
C ASN C 34 -10.35 -3.93 -5.53
N TRP C 35 -11.29 -3.01 -5.77
CA TRP C 35 -11.00 -1.73 -6.39
C TRP C 35 -11.22 -0.58 -5.41
N TYR C 36 -10.36 0.45 -5.50
CA TYR C 36 -10.43 1.60 -4.61
C TYR C 36 -10.38 2.89 -5.40
N GLN C 37 -11.10 3.89 -4.91
CA GLN C 37 -10.96 5.26 -5.37
C GLN C 37 -10.22 6.07 -4.33
N GLN C 38 -9.33 6.97 -4.77
CA GLN C 38 -8.70 7.91 -3.85
C GLN C 38 -8.52 9.28 -4.49
N LYS C 39 -8.77 10.33 -3.70
CA LYS C 39 -8.60 11.72 -4.09
C LYS C 39 -7.56 12.37 -3.18
N PRO C 40 -6.92 13.45 -3.62
CA PRO C 40 -5.84 14.03 -2.81
C PRO C 40 -6.36 14.50 -1.46
N GLY C 41 -5.71 14.03 -0.39
CA GLY C 41 -6.02 14.47 0.95
C GLY C 41 -6.99 13.59 1.71
N LYS C 42 -7.74 12.73 1.02
CA LYS C 42 -8.71 11.83 1.63
C LYS C 42 -8.18 10.40 1.62
N ALA C 43 -8.96 9.49 2.19
CA ALA C 43 -8.59 8.08 2.29
C ALA C 43 -9.22 7.28 1.15
N PRO C 44 -8.75 6.05 0.95
CA PRO C 44 -9.36 5.17 -0.05
C PRO C 44 -10.83 4.89 0.26
N LYS C 45 -11.63 4.85 -0.79
CA LYS C 45 -13.00 4.38 -0.75
C LYS C 45 -13.03 3.03 -1.45
N LEU C 46 -13.60 2.02 -0.80
CA LEU C 46 -13.79 0.72 -1.45
C LEU C 46 -14.92 0.80 -2.47
N LEU C 47 -14.60 0.47 -3.73
CA LEU C 47 -15.59 0.51 -4.81
C LEU C 47 -16.11 -0.88 -5.16
N ILE C 48 -15.22 -1.81 -5.50
CA ILE C 48 -15.58 -3.14 -5.96
C ILE C 48 -14.83 -4.17 -5.11
N TYR C 49 -15.56 -5.14 -4.56
CA TYR C 49 -14.93 -6.25 -3.85
C TYR C 49 -15.26 -7.56 -4.55
N ALA C 50 -14.41 -8.57 -4.45
CA ALA C 50 -14.67 -9.87 -5.08
C ALA C 50 -14.76 -9.69 -6.58
N ALA C 51 -14.05 -8.71 -7.12
CA ALA C 51 -13.93 -8.48 -8.58
C ALA C 51 -15.17 -7.94 -9.27
N SER C 52 -16.38 -8.23 -8.79
CA SER C 52 -17.62 -7.84 -9.51
C SER C 52 -18.62 -7.20 -8.58
N SER C 53 -18.52 -7.46 -7.28
CA SER C 53 -19.53 -6.98 -6.34
C SER C 53 -19.45 -5.48 -6.10
N LEU C 54 -20.52 -4.77 -6.42
CA LEU C 54 -20.58 -3.33 -6.15
C LEU C 54 -20.77 -3.07 -4.66
N GLN C 55 -19.98 -2.17 -4.10
CA GLN C 55 -19.99 -1.95 -2.66
C GLN C 55 -21.20 -1.10 -2.27
N SER C 56 -21.58 -1.21 -1.00
CA SER C 56 -22.71 -0.48 -0.45
C SER C 56 -22.55 1.02 -0.70
N GLY C 57 -23.49 1.61 -1.44
CA GLY C 57 -23.54 3.04 -1.64
C GLY C 57 -22.68 3.58 -2.77
N VAL C 58 -21.93 2.73 -3.46
CA VAL C 58 -21.15 3.17 -4.60
C VAL C 58 -22.05 3.21 -5.84
N PRO C 59 -22.08 4.31 -6.58
CA PRO C 59 -22.99 4.44 -7.72
C PRO C 59 -22.92 3.26 -8.68
N SER C 60 -24.06 2.98 -9.34
CA SER C 60 -24.18 1.80 -10.20
C SER C 60 -23.31 1.88 -11.44
N ARG C 61 -22.79 3.06 -11.79
CA ARG C 61 -21.96 3.17 -12.97
C ARG C 61 -20.64 2.43 -12.83
N PHE C 62 -20.29 2.02 -11.61
CA PHE C 62 -19.02 1.33 -11.34
C PHE C 62 -19.21 -0.18 -11.49
N SER C 63 -18.87 -0.68 -12.66
CA SER C 63 -18.83 -2.11 -12.89
C SER C 63 -17.42 -2.63 -12.60
N GLY C 64 -17.34 -3.89 -12.19
CA GLY C 64 -16.05 -4.53 -12.04
C GLY C 64 -16.05 -5.92 -12.68
N SER C 65 -15.04 -6.21 -13.48
CA SER C 65 -14.97 -7.54 -14.08
C SER C 65 -13.54 -8.10 -13.97
N GLY C 66 -13.32 -9.25 -14.60
CA GLY C 66 -12.06 -9.96 -14.56
C GLY C 66 -12.12 -11.19 -13.67
N SER C 67 -11.13 -12.07 -13.86
CA SER C 67 -10.85 -13.16 -12.93
C SER C 67 -9.60 -13.91 -13.36
N GLY C 68 -8.82 -14.36 -12.40
CA GLY C 68 -7.53 -14.96 -12.71
C GLY C 68 -6.40 -13.93 -12.62
N THR C 69 -5.87 -13.55 -13.77
CA THR C 69 -4.71 -12.68 -13.80
C THR C 69 -5.04 -11.24 -14.17
N ASP C 70 -6.07 -11.01 -14.98
CA ASP C 70 -6.38 -9.69 -15.49
C ASP C 70 -7.78 -9.25 -15.09
N PHE C 71 -7.91 -7.98 -14.67
CA PHE C 71 -9.14 -7.42 -14.13
C PHE C 71 -9.43 -6.05 -14.74
N THR C 72 -10.68 -5.61 -14.64
CA THR C 72 -11.09 -4.36 -15.25
C THR C 72 -12.12 -3.64 -14.39
N LEU C 73 -11.80 -2.39 -14.04
CA LEU C 73 -12.75 -1.45 -13.45
C LEU C 73 -13.30 -0.59 -14.57
N THR C 74 -14.63 -0.60 -14.75
CA THR C 74 -15.32 0.16 -15.79
C THR C 74 -16.21 1.20 -15.13
N ILE C 75 -16.18 2.43 -15.64
CA ILE C 75 -17.14 3.46 -15.26
C ILE C 75 -18.00 3.77 -16.47
N SER C 76 -19.32 3.55 -16.36
CA SER C 76 -20.16 3.59 -17.55
C SER C 76 -20.33 5.01 -18.08
N SER C 77 -20.55 5.99 -17.18
CA SER C 77 -20.57 7.40 -17.58
C SER C 77 -19.81 8.25 -16.57
N LEU C 78 -18.56 8.61 -16.91
CA LEU C 78 -17.71 9.38 -16.00
C LEU C 78 -18.42 10.65 -15.51
N GLN C 79 -18.39 10.86 -14.22
CA GLN C 79 -19.00 12.03 -13.59
C GLN C 79 -17.96 13.05 -13.16
N PRO C 80 -18.38 14.29 -12.87
CA PRO C 80 -17.39 15.31 -12.46
C PRO C 80 -16.63 14.96 -11.20
N GLU C 81 -17.28 14.31 -10.23
CA GLU C 81 -16.61 13.91 -8.99
C GLU C 81 -15.83 12.61 -9.13
N ASP C 82 -15.81 12.01 -10.32
CA ASP C 82 -15.12 10.76 -10.55
C ASP C 82 -13.65 10.91 -10.85
N PHE C 83 -13.22 12.11 -11.18
CA PHE C 83 -11.80 12.36 -11.47
C PHE C 83 -11.01 12.10 -10.19
N ALA C 84 -10.20 11.06 -10.19
CA ALA C 84 -9.45 10.65 -8.99
C ALA C 84 -8.41 9.62 -9.37
N THR C 85 -7.89 8.90 -8.39
CA THR C 85 -6.90 7.83 -8.63
C THR C 85 -7.51 6.51 -8.17
N TYR C 86 -7.43 5.48 -9.00
CA TYR C 86 -8.04 4.20 -8.74
C TYR C 86 -6.95 3.15 -8.59
N TYR C 87 -6.97 2.45 -7.45
CA TYR C 87 -6.06 1.34 -7.21
C TYR C 87 -6.85 0.05 -7.17
N CYS C 88 -6.16 -1.05 -7.52
CA CYS C 88 -6.60 -2.40 -7.19
C CYS C 88 -5.74 -2.95 -6.08
N GLN C 89 -6.33 -3.85 -5.29
CA GLN C 89 -5.65 -4.56 -4.21
C GLN C 89 -6.07 -6.01 -4.29
N GLN C 90 -5.20 -6.91 -3.87
CA GLN C 90 -5.46 -8.33 -3.96
C GLN C 90 -5.71 -8.89 -2.57
N SER C 91 -6.68 -9.82 -2.46
CA SER C 91 -6.99 -10.45 -1.18
C SER C 91 -6.37 -11.82 -1.02
N TYR C 92 -5.82 -12.41 -2.09
CA TYR C 92 -5.39 -13.81 -2.05
C TYR C 92 -4.56 -14.10 -0.81
N THR C 93 -3.59 -13.23 -0.52
CA THR C 93 -2.72 -13.40 0.63
C THR C 93 -3.22 -12.63 1.86
N THR C 94 -4.52 -12.37 1.93
CA THR C 94 -5.08 -11.65 3.07
C THR C 94 -4.64 -12.35 4.35
N PRO C 95 -4.33 -11.60 5.43
CA PRO C 95 -4.39 -10.14 5.57
C PRO C 95 -3.18 -9.32 5.11
N LEU C 96 -2.21 -9.91 4.42
CA LEU C 96 -1.05 -9.18 3.91
C LEU C 96 -1.36 -8.85 2.46
N PHE C 97 -2.05 -7.72 2.26
CA PHE C 97 -2.47 -7.30 0.94
C PHE C 97 -1.43 -6.40 0.29
N THR C 98 -1.31 -6.53 -1.03
CA THR C 98 -0.48 -5.63 -1.82
C THR C 98 -1.37 -4.86 -2.80
N PHE C 99 -1.03 -3.59 -3.03
CA PHE C 99 -1.84 -2.70 -3.85
C PHE C 99 -1.21 -2.55 -5.23
N GLY C 100 -1.95 -1.90 -6.11
CA GLY C 100 -1.46 -1.60 -7.42
C GLY C 100 -0.75 -0.26 -7.37
N PRO C 101 -0.17 0.18 -8.50
CA PRO C 101 0.53 1.46 -8.50
C PRO C 101 -0.40 2.63 -8.67
N GLY C 102 -1.55 2.42 -9.30
CA GLY C 102 -2.57 3.43 -9.49
C GLY C 102 -2.80 3.76 -10.95
N THR C 103 -4.00 4.23 -11.26
CA THR C 103 -4.25 4.93 -12.51
C THR C 103 -4.90 6.26 -12.15
N LYS C 104 -4.34 7.35 -12.64
CA LYS C 104 -4.91 8.68 -12.41
C LYS C 104 -5.80 9.01 -13.60
N VAL C 105 -7.01 9.46 -13.31
CA VAL C 105 -7.94 9.87 -14.34
C VAL C 105 -8.06 11.38 -14.22
N ASP C 106 -7.51 12.10 -15.19
CA ASP C 106 -7.65 13.55 -15.19
C ASP C 106 -8.63 13.99 -16.29
N ILE C 107 -8.76 15.31 -16.39
CA ILE C 107 -9.81 15.96 -17.19
C ILE C 107 -9.23 16.25 -18.57
N LYS C 108 -9.88 15.74 -19.62
CA LYS C 108 -9.29 15.89 -20.95
C LYS C 108 -9.55 17.29 -21.47
N ARG C 109 -8.64 17.73 -22.33
CA ARG C 109 -8.60 19.11 -22.74
C ARG C 109 -7.78 19.16 -24.02
N THR C 110 -7.99 20.18 -24.84
CA THR C 110 -7.14 20.30 -26.01
C THR C 110 -5.68 20.41 -25.59
N VAL C 111 -4.78 19.82 -26.39
CA VAL C 111 -3.35 19.91 -26.12
C VAL C 111 -2.93 21.37 -26.04
N ALA C 112 -2.02 21.67 -25.11
CA ALA C 112 -1.59 23.05 -24.81
C ALA C 112 -0.11 23.05 -24.44
N ALA C 113 0.74 23.61 -25.31
CA ALA C 113 2.18 23.60 -25.02
C ALA C 113 2.49 24.49 -23.82
N PRO C 114 3.58 24.20 -23.12
CA PRO C 114 3.98 25.05 -22.02
C PRO C 114 4.50 26.39 -22.52
N SER C 115 4.25 27.42 -21.71
CA SER C 115 5.02 28.65 -21.77
C SER C 115 6.23 28.46 -20.87
N VAL C 116 7.44 28.58 -21.43
CA VAL C 116 8.64 28.28 -20.67
C VAL C 116 9.37 29.57 -20.27
N PHE C 117 9.76 29.65 -19.00
CA PHE C 117 10.41 30.82 -18.42
C PHE C 117 11.57 30.39 -17.53
N ILE C 118 12.70 31.10 -17.63
CA ILE C 118 13.86 30.77 -16.81
C ILE C 118 14.20 31.97 -15.94
N PHE C 119 14.63 31.70 -14.71
CA PHE C 119 14.90 32.72 -13.71
C PHE C 119 16.28 32.47 -13.11
N PRO C 120 17.23 33.40 -13.23
CA PRO C 120 18.53 33.21 -12.59
C PRO C 120 18.43 33.44 -11.08
N PRO C 121 19.39 32.96 -10.30
CA PRO C 121 19.36 33.22 -8.86
C PRO C 121 19.30 34.72 -8.59
N SER C 122 18.64 35.09 -7.51
CA SER C 122 18.67 36.49 -7.11
C SER C 122 20.08 36.87 -6.65
N ASP C 123 20.47 38.13 -6.88
CA ASP C 123 21.71 38.60 -6.27
C ASP C 123 21.62 38.49 -4.76
N GLU C 124 20.40 38.60 -4.22
CA GLU C 124 20.21 38.50 -2.78
C GLU C 124 20.55 37.11 -2.27
N GLN C 125 20.10 36.06 -2.97
CA GLN C 125 20.41 34.70 -2.53
C GLN C 125 21.88 34.33 -2.77
N LEU C 126 22.56 35.01 -3.69
CA LEU C 126 23.96 34.64 -3.95
C LEU C 126 24.87 35.01 -2.79
N LYS C 127 24.50 36.04 -2.01
CA LYS C 127 25.26 36.38 -0.81
C LYS C 127 25.24 35.23 0.19
N SER C 128 24.08 34.60 0.37
CA SER C 128 24.00 33.43 1.23
C SER C 128 24.93 32.29 0.77
N GLY C 129 25.43 32.36 -0.47
CA GLY C 129 26.42 31.42 -0.95
C GLY C 129 25.93 30.23 -1.73
N THR C 130 24.63 30.16 -2.03
CA THR C 130 24.06 29.11 -2.86
C THR C 130 23.22 29.75 -3.95
N ALA C 131 23.09 29.06 -5.09
CA ALA C 131 22.37 29.60 -6.23
C ALA C 131 21.24 28.66 -6.61
N SER C 132 20.04 29.21 -6.80
CA SER C 132 18.87 28.44 -7.22
C SER C 132 18.43 28.97 -8.58
N VAL C 133 18.40 28.10 -9.60
CA VAL C 133 17.93 28.47 -10.93
C VAL C 133 16.60 27.78 -11.18
N VAL C 134 15.59 28.55 -11.56
CA VAL C 134 14.22 28.07 -11.65
C VAL C 134 13.79 27.97 -13.11
N CYS C 135 13.11 26.89 -13.43
CA CYS C 135 12.50 26.77 -14.73
C CYS C 135 11.02 26.54 -14.51
N LEU C 136 10.20 27.34 -15.18
CA LEU C 136 8.75 27.25 -15.12
C LEU C 136 8.22 26.75 -16.46
N LEU C 137 7.32 25.78 -16.43
CA LEU C 137 6.59 25.40 -17.67
C LEU C 137 5.15 25.69 -17.27
N ASN C 138 4.52 26.70 -17.88
CA ASN C 138 3.19 27.16 -17.42
C ASN C 138 2.06 26.74 -18.34
N ASN C 139 0.91 26.44 -17.74
CA ASN C 139 -0.31 26.10 -18.49
C ASN C 139 -0.05 25.10 -19.60
N PHE C 140 0.23 23.84 -19.22
CA PHE C 140 0.46 22.78 -20.23
C PHE C 140 -0.51 21.62 -20.05
N TYR C 141 -0.99 21.09 -21.16
CA TYR C 141 -1.80 19.87 -21.09
C TYR C 141 -1.20 19.01 -22.20
N PRO C 142 -0.96 17.67 -22.11
CA PRO C 142 -1.17 16.84 -20.92
C PRO C 142 -0.02 16.86 -19.91
N ARG C 143 -0.19 16.16 -18.77
CA ARG C 143 0.69 16.34 -17.63
C ARG C 143 2.12 15.89 -17.90
N GLU C 144 2.33 15.09 -18.95
CA GLU C 144 3.63 14.51 -19.22
C GLU C 144 4.48 15.52 -19.98
N ALA C 145 5.65 15.83 -19.42
CA ALA C 145 6.60 16.81 -19.94
C ALA C 145 7.97 16.44 -19.41
N LYS C 146 9.02 16.90 -20.10
CA LYS C 146 10.41 16.57 -19.79
C LYS C 146 11.25 17.84 -19.78
N VAL C 147 11.97 18.07 -18.68
CA VAL C 147 12.80 19.25 -18.47
C VAL C 147 14.24 18.79 -18.37
N GLN C 148 15.11 19.26 -19.26
CA GLN C 148 16.54 19.00 -19.13
C GLN C 148 17.27 20.30 -18.80
N TRP C 149 18.16 20.23 -17.80
CA TRP C 149 19.10 21.33 -17.55
C TRP C 149 20.39 21.09 -18.30
N LYS C 150 20.89 22.14 -18.93
CA LYS C 150 22.23 22.19 -19.50
C LYS C 150 22.93 23.39 -18.88
N VAL C 151 24.09 23.16 -18.26
CA VAL C 151 25.00 24.22 -17.80
C VAL C 151 26.21 24.20 -18.72
N ASP C 152 26.45 25.31 -19.42
CA ASP C 152 27.52 25.40 -20.41
C ASP C 152 27.46 24.23 -21.37
N ASN C 153 26.22 23.89 -21.76
CA ASN C 153 25.87 22.86 -22.74
C ASN C 153 26.22 21.46 -22.27
N ALA C 154 26.49 21.29 -20.98
CA ALA C 154 26.68 19.99 -20.37
C ALA C 154 25.46 19.68 -19.52
N LEU C 155 24.86 18.52 -19.75
CA LEU C 155 23.59 18.18 -19.15
C LEU C 155 23.75 17.80 -17.68
N GLN C 156 22.96 18.40 -16.80
CA GLN C 156 23.03 18.13 -15.37
C GLN C 156 22.13 16.96 -14.98
N SER C 157 22.51 16.21 -13.95
CA SER C 157 21.70 15.06 -13.51
C SER C 157 21.17 15.20 -12.09
N GLY C 158 21.97 14.95 -11.06
CA GLY C 158 21.40 14.91 -9.69
C GLY C 158 21.37 16.22 -8.95
N ASN C 159 20.93 17.29 -9.60
CA ASN C 159 20.99 18.62 -8.95
C ASN C 159 19.65 19.34 -9.09
N SER C 160 18.61 18.68 -9.59
CA SER C 160 17.36 19.39 -9.83
C SER C 160 16.23 18.66 -9.16
N GLN C 161 15.21 19.40 -8.73
CA GLN C 161 13.95 18.84 -8.22
C GLN C 161 12.78 19.48 -8.95
N GLU C 162 11.69 18.72 -9.10
CA GLU C 162 10.50 19.18 -9.80
C GLU C 162 9.28 19.20 -8.90
N SER C 163 8.31 20.00 -9.30
CA SER C 163 7.04 20.11 -8.60
C SER C 163 5.98 20.40 -9.65
N VAL C 164 4.77 19.90 -9.42
CA VAL C 164 3.67 20.11 -10.35
C VAL C 164 2.41 20.45 -9.59
N THR C 165 1.59 21.29 -10.20
CA THR C 165 0.34 21.68 -9.61
C THR C 165 -0.74 20.66 -9.95
N GLU C 166 -1.71 20.54 -9.06
CA GLU C 166 -2.89 19.78 -9.39
C GLU C 166 -3.58 20.45 -10.60
N GLN C 167 -4.42 19.70 -11.29
CA GLN C 167 -4.96 20.22 -12.54
C GLN C 167 -5.78 21.48 -12.28
N ASP C 168 -5.53 22.52 -13.07
CA ASP C 168 -6.17 23.82 -12.88
C ASP C 168 -7.69 23.67 -12.80
N SER C 169 -8.28 24.48 -11.93
CA SER C 169 -9.71 24.52 -11.75
C SER C 169 -10.44 24.91 -13.04
N LYS C 170 -9.86 25.79 -13.88
CA LYS C 170 -10.48 26.36 -15.08
C LYS C 170 -9.69 26.11 -16.37
N ASP C 171 -8.35 26.11 -16.31
CA ASP C 171 -7.53 25.68 -17.45
C ASP C 171 -7.73 24.21 -17.74
N SER C 172 -7.85 23.40 -16.69
CA SER C 172 -7.57 21.97 -16.77
C SER C 172 -6.14 21.72 -17.20
N THR C 173 -5.26 22.72 -17.02
CA THR C 173 -3.85 22.63 -17.38
C THR C 173 -3.01 22.26 -16.16
N TYR C 174 -1.70 22.10 -16.40
CA TYR C 174 -0.72 21.83 -15.38
C TYR C 174 0.39 22.87 -15.47
N SER C 175 1.03 23.14 -14.34
CA SER C 175 2.26 23.91 -14.37
C SER C 175 3.34 23.14 -13.63
N LEU C 176 4.58 23.36 -14.04
CA LEU C 176 5.71 22.63 -13.49
C LEU C 176 6.85 23.59 -13.24
N SER C 177 7.48 23.48 -12.06
CA SER C 177 8.72 24.18 -11.77
C SER C 177 9.85 23.16 -11.64
N SER C 178 11.03 23.54 -12.12
CA SER C 178 12.25 22.75 -11.90
C SER C 178 13.33 23.67 -11.35
N THR C 179 13.97 23.26 -10.26
CA THR C 179 14.94 24.08 -9.57
C THR C 179 16.29 23.39 -9.57
N LEU C 180 17.25 24.00 -10.29
CA LEU C 180 18.65 23.57 -10.31
C LEU C 180 19.41 24.32 -9.22
N THR C 181 20.06 23.59 -8.33
CA THR C 181 20.66 24.13 -7.12
C THR C 181 22.17 23.87 -7.17
N LEU C 182 22.96 24.94 -7.27
CA LEU C 182 24.43 24.95 -7.25
C LEU C 182 24.94 25.76 -6.06
N SER C 183 26.25 25.73 -5.86
CA SER C 183 26.84 26.69 -4.94
C SER C 183 27.23 27.97 -5.67
N LYS C 184 27.32 29.08 -4.93
CA LYS C 184 27.83 30.29 -5.56
C LYS C 184 29.15 29.98 -6.25
N ALA C 185 30.00 29.22 -5.57
CA ALA C 185 31.33 28.91 -6.09
C ALA C 185 31.23 28.24 -7.45
N ASP C 186 30.35 27.23 -7.57
CA ASP C 186 30.11 26.55 -8.84
C ASP C 186 29.47 27.49 -9.86
N TYR C 187 28.35 28.11 -9.47
CA TYR C 187 27.63 29.00 -10.38
C TYR C 187 28.57 30.04 -10.99
N GLU C 188 29.47 30.60 -10.18
CA GLU C 188 30.44 31.56 -10.70
C GLU C 188 31.18 31.01 -11.91
N LYS C 189 31.48 29.70 -11.92
CA LYS C 189 32.44 29.10 -12.85
C LYS C 189 31.85 28.72 -14.21
N HIS C 190 30.61 29.13 -14.54
CA HIS C 190 29.99 28.74 -15.81
C HIS C 190 29.18 29.91 -16.37
N LYS C 191 28.97 29.89 -17.69
CA LYS C 191 28.33 31.02 -18.37
C LYS C 191 26.88 30.73 -18.73
N VAL C 192 26.60 29.71 -19.54
CA VAL C 192 25.28 29.56 -20.12
C VAL C 192 24.45 28.58 -19.29
N TYR C 193 23.42 29.11 -18.65
CA TYR C 193 22.44 28.32 -17.90
C TYR C 193 21.17 28.21 -18.74
N ALA C 194 20.82 26.98 -19.13
CA ALA C 194 19.74 26.74 -20.08
C ALA C 194 18.80 25.67 -19.55
N CYS C 195 17.55 25.79 -19.98
CA CYS C 195 16.46 24.91 -19.59
C CYS C 195 15.75 24.48 -20.87
N GLU C 196 15.74 23.17 -21.15
CA GLU C 196 15.22 22.63 -22.42
C GLU C 196 14.04 21.72 -22.13
N VAL C 197 12.88 22.09 -22.66
CA VAL C 197 11.60 21.44 -22.37
C VAL C 197 11.13 20.70 -23.63
N THR C 198 10.84 19.40 -23.49
CA THR C 198 10.18 18.65 -24.55
C THR C 198 8.77 18.32 -24.09
N HIS C 199 7.80 18.53 -24.98
CA HIS C 199 6.42 18.26 -24.66
C HIS C 199 5.69 17.95 -25.95
N GLN C 200 4.50 17.36 -25.81
CA GLN C 200 3.80 16.85 -26.98
C GLN C 200 3.24 17.98 -27.82
N GLY C 201 2.98 19.13 -27.21
CA GLY C 201 2.50 20.29 -27.94
C GLY C 201 3.57 21.18 -28.52
N LEU C 202 4.84 20.84 -28.35
CA LEU C 202 5.93 21.56 -28.99
C LEU C 202 6.45 20.72 -30.14
N SER C 203 6.75 21.38 -31.27
CA SER C 203 7.18 20.62 -32.44
C SER C 203 8.61 20.10 -32.28
N SER C 204 9.46 20.87 -31.61
CA SER C 204 10.79 20.47 -31.19
C SER C 204 11.00 21.01 -29.79
N PRO C 205 11.97 20.46 -29.05
CA PRO C 205 12.23 20.99 -27.70
C PRO C 205 12.48 22.50 -27.72
N VAL C 206 11.87 23.19 -26.77
CA VAL C 206 12.06 24.62 -26.56
C VAL C 206 13.13 24.82 -25.50
N THR C 207 14.08 25.72 -25.76
CA THR C 207 15.15 26.01 -24.82
C THR C 207 15.12 27.50 -24.48
N LYS C 208 15.03 27.81 -23.19
CA LYS C 208 15.17 29.15 -22.68
C LYS C 208 16.42 29.17 -21.81
N SER C 209 17.22 30.23 -21.89
CA SER C 209 18.50 30.25 -21.18
C SER C 209 18.90 31.68 -20.89
N PHE C 210 19.95 31.82 -20.08
CA PHE C 210 20.58 33.09 -19.77
C PHE C 210 22.07 32.91 -19.56
N ASN C 211 22.84 33.98 -19.75
CA ASN C 211 24.25 34.04 -19.40
C ASN C 211 24.39 34.82 -18.11
N ARG C 212 25.53 34.67 -17.44
CA ARG C 212 25.64 35.21 -16.08
C ARG C 212 25.74 36.74 -16.06
N GLY C 213 26.48 37.35 -16.97
CA GLY C 213 26.37 38.80 -17.11
C GLY C 213 25.39 39.18 -18.22
N GLU C 214 24.32 39.89 -17.88
CA GLU C 214 23.29 40.25 -18.87
C GLU C 214 22.46 41.50 -18.55
C1 NAG D . 0.56 -45.70 -2.26
C2 NAG D . 1.17 -46.56 -1.15
C3 NAG D . 2.62 -46.89 -1.50
C4 NAG D . 2.69 -47.62 -2.84
C5 NAG D . 1.98 -46.85 -3.96
C6 NAG D . 1.82 -47.68 -5.22
C7 NAG D . 0.88 -46.56 1.30
C8 NAG D . 0.76 -45.72 2.53
N2 NAG D . 1.07 -45.89 0.14
O3 NAG D . 3.23 -47.69 -0.49
O4 NAG D . 4.04 -47.86 -3.22
O5 NAG D . 0.66 -46.43 -3.55
O6 NAG D . 0.97 -47.09 -6.20
O7 NAG D . 0.81 -47.79 1.34
H1 NAG D . 1.05 -44.86 -2.33
H2 NAG D . 0.68 -47.39 -1.11
H3 NAG D . 3.14 -46.05 -1.58
H4 NAG D . 2.24 -48.49 -2.73
H5 NAG D . 2.51 -46.05 -4.17
H61 NAG D . 1.46 -48.56 -4.98
H62 NAG D . 2.70 -47.81 -5.62
H81 NAG D . 0.00 -45.10 2.45
H82 NAG D . 1.58 -45.20 2.66
H83 NAG D . 0.63 -46.29 3.31
HN2 NAG D . 1.10 -44.99 0.17
HO3 NAG D . 3.58 -48.42 -0.86
HO4 NAG D . 4.56 -47.21 -2.90
HO6 NAG D . 1.26 -46.28 -6.39
#